data_4TL3
#
_entry.id   4TL3
#
_cell.length_a   55.265
_cell.length_b   104.301
_cell.length_c   111.386
_cell.angle_alpha   90.00
_cell.angle_beta   90.00
_cell.angle_gamma   90.00
#
_symmetry.space_group_name_H-M   'P 21 21 21'
#
loop_
_entity.id
_entity.type
_entity.pdbx_description
1 polymer 'Anabaena sensory rhodopsin'
2 non-polymer RETINAL
3 non-polymer 1,2-dioleoyl-sn-glycero-3-phosphoethanolamine
4 water water
#
_entity_poly.entity_id   1
_entity_poly.type   'polypeptide(L)'
_entity_poly.pdbx_seq_one_letter_code
;MNLESLLHWIYVAGMTIGALHFWSLSRNPRGVPQYEYLVAMFIPIWSGLAYMAMAIDQGKVEAAGQIAHYARYIDWMVTT
PLLLLSLSWTAMQFIKKDWTLIGFLMSTQIVVITSGLIADLSERDWVRYLWYICGVCAFLIILWGIWNPLRAKTRTQSSE
LANLYDKLVTYFTVLWIGYPIVWIIGPSGFGWINQTIDTFLFCLLPFFSKVGFSFLELHGLRNLND
;
_entity_poly.pdbx_strand_id   A,B
#
# COMPACT_ATOMS: atom_id res chain seq x y z
N MET A 1 0.95 21.33 -32.11
CA MET A 1 1.67 20.54 -31.09
C MET A 1 2.63 21.41 -30.27
N ASN A 2 2.37 21.52 -28.97
CA ASN A 2 3.26 22.27 -28.06
C ASN A 2 4.43 21.43 -27.55
N LEU A 3 5.25 22.05 -26.70
CA LEU A 3 6.51 21.45 -26.26
C LEU A 3 6.35 20.18 -25.40
N GLU A 4 5.41 20.19 -24.46
CA GLU A 4 5.14 19.05 -23.59
C GLU A 4 4.62 17.85 -24.38
N SER A 5 3.70 18.12 -25.29
CA SER A 5 3.15 17.12 -26.19
C SER A 5 4.27 16.45 -27.00
N LEU A 6 5.21 17.25 -27.52
CA LEU A 6 6.37 16.74 -28.25
C LEU A 6 7.24 15.87 -27.34
N LEU A 7 7.48 16.36 -26.12
CA LEU A 7 8.25 15.61 -25.16
C LEU A 7 7.57 14.27 -24.84
N HIS A 8 6.25 14.29 -24.66
CA HIS A 8 5.53 13.05 -24.37
C HIS A 8 5.59 12.05 -25.56
N TRP A 9 5.51 12.56 -26.78
CA TRP A 9 5.63 11.70 -27.97
C TRP A 9 7.02 11.11 -28.13
N ILE A 10 8.06 11.91 -27.85
CA ILE A 10 9.43 11.39 -27.90
C ILE A 10 9.60 10.28 -26.87
N TYR A 11 9.01 10.49 -25.70
CA TYR A 11 9.00 9.49 -24.65
C TYR A 11 8.32 8.21 -25.16
N VAL A 12 7.15 8.38 -25.80
CA VAL A 12 6.38 7.23 -26.35
C VAL A 12 7.25 6.40 -27.30
N ALA A 13 7.96 7.07 -28.19
CA ALA A 13 8.84 6.39 -29.14
C ALA A 13 9.96 5.68 -28.40
N GLY A 14 10.55 6.35 -27.39
CA GLY A 14 11.54 5.74 -26.49
C GLY A 14 11.05 4.43 -25.86
N MET A 15 9.84 4.48 -25.30
CA MET A 15 9.21 3.32 -24.69
C MET A 15 9.00 2.22 -25.72
N THR A 16 8.53 2.61 -26.90
CA THR A 16 8.25 1.67 -27.98
C THR A 16 9.50 0.89 -28.40
N ILE A 17 10.60 1.60 -28.59
CA ILE A 17 11.86 1.00 -29.03
C ILE A 17 12.44 0.10 -27.94
N GLY A 18 12.31 0.52 -26.69
CA GLY A 18 12.73 -0.32 -25.55
C GLY A 18 11.93 -1.61 -25.46
N ALA A 19 10.60 -1.50 -25.53
CA ALA A 19 9.70 -2.66 -25.56
C ALA A 19 10.02 -3.64 -26.71
N LEU A 20 10.33 -3.13 -27.90
CA LEU A 20 10.65 -4.02 -29.04
C LEU A 20 11.96 -4.74 -28.81
N HIS A 21 12.93 -4.01 -28.28
CA HIS A 21 14.21 -4.58 -27.92
C HIS A 21 14.06 -5.74 -26.95
N PHE A 22 13.32 -5.53 -25.85
CA PHE A 22 13.12 -6.60 -24.86
C PHE A 22 12.37 -7.79 -25.48
N TRP A 23 11.39 -7.50 -26.32
CA TRP A 23 10.68 -8.54 -27.06
C TRP A 23 11.66 -9.34 -27.93
N SER A 24 12.55 -8.64 -28.61
CA SER A 24 13.56 -9.28 -29.44
C SER A 24 14.49 -10.17 -28.62
N LEU A 25 14.95 -9.67 -27.48
CA LEU A 25 15.75 -10.48 -26.57
C LEU A 25 15.03 -11.75 -26.10
N SER A 26 13.72 -11.64 -25.86
CA SER A 26 12.94 -12.78 -25.39
C SER A 26 12.95 -13.95 -26.38
N ARG A 27 13.25 -13.68 -27.65
CA ARG A 27 13.26 -14.73 -28.68
C ARG A 27 14.57 -15.48 -28.70
N ASN A 28 15.62 -14.88 -28.13
CA ASN A 28 16.88 -15.58 -27.86
C ASN A 28 17.25 -15.37 -26.37
N PRO A 29 16.53 -16.06 -25.48
CA PRO A 29 16.46 -15.66 -24.08
C PRO A 29 17.73 -15.85 -23.26
N ARG A 30 18.58 -16.80 -23.64
CA ARG A 30 19.83 -17.11 -22.91
C ARG A 30 19.58 -17.52 -21.47
N GLY A 31 18.61 -18.41 -21.26
CA GLY A 31 18.32 -18.92 -19.93
C GLY A 31 17.55 -17.99 -19.03
N VAL A 32 17.14 -16.83 -19.54
CA VAL A 32 16.32 -15.93 -18.74
C VAL A 32 14.87 -16.31 -19.01
N PRO A 33 14.12 -16.70 -17.95
CA PRO A 33 12.76 -17.19 -18.15
C PRO A 33 11.84 -16.13 -18.73
N GLN A 34 10.79 -16.57 -19.41
CA GLN A 34 9.92 -15.68 -20.14
C GLN A 34 9.22 -14.62 -19.28
N TYR A 35 8.86 -14.98 -18.05
CA TYR A 35 8.15 -14.04 -17.18
C TYR A 35 8.97 -12.75 -16.93
N GLU A 36 10.29 -12.87 -16.84
CA GLU A 36 11.11 -11.66 -16.71
C GLU A 36 11.10 -10.76 -17.96
N TYR A 37 11.10 -11.37 -19.14
CA TYR A 37 10.98 -10.60 -20.38
C TYR A 37 9.63 -9.91 -20.47
N LEU A 38 8.58 -10.64 -20.08
CA LEU A 38 7.21 -10.15 -20.28
C LEU A 38 6.91 -8.93 -19.41
N VAL A 39 7.34 -8.96 -18.17
CA VAL A 39 7.24 -7.80 -17.28
C VAL A 39 8.09 -6.64 -17.84
N ALA A 40 9.30 -6.96 -18.33
CA ALA A 40 10.18 -5.94 -18.89
C ALA A 40 9.54 -5.25 -20.10
N MET A 41 8.83 -6.02 -20.91
CA MET A 41 8.06 -5.49 -22.04
C MET A 41 6.83 -4.71 -21.61
N PHE A 42 6.09 -5.25 -20.65
CA PHE A 42 4.85 -4.62 -20.16
C PHE A 42 5.06 -3.22 -19.57
N ILE A 43 6.12 -3.06 -18.79
CA ILE A 43 6.38 -1.77 -18.14
C ILE A 43 6.38 -0.59 -19.11
N PRO A 44 7.25 -0.62 -20.15
CA PRO A 44 7.24 0.52 -21.07
C PRO A 44 5.96 0.64 -21.91
N ILE A 45 5.27 -0.47 -22.17
CA ILE A 45 3.99 -0.40 -22.88
C ILE A 45 2.94 0.36 -22.07
N TRP A 46 2.76 -0.02 -20.81
CA TRP A 46 1.86 0.68 -19.91
C TRP A 46 2.21 2.17 -19.82
N SER A 47 3.48 2.45 -19.57
CA SER A 47 3.96 3.83 -19.50
C SER A 47 3.74 4.58 -20.82
N GLY A 48 4.08 3.94 -21.94
CA GLY A 48 3.84 4.54 -23.26
C GLY A 48 2.40 4.95 -23.49
N LEU A 49 1.47 4.07 -23.13
CA LEU A 49 0.04 4.35 -23.29
C LEU A 49 -0.43 5.51 -22.42
N ALA A 50 0.00 5.53 -21.15
CA ALA A 50 -0.31 6.65 -20.28
C ALA A 50 0.25 7.97 -20.85
N TYR A 51 1.47 7.93 -21.36
CA TYR A 51 2.07 9.14 -21.95
C TYR A 51 1.44 9.53 -23.29
N MET A 52 1.07 8.52 -24.09
CA MET A 52 0.31 8.74 -25.32
C MET A 52 -1.00 9.48 -25.04
N ALA A 53 -1.73 9.02 -24.02
CA ALA A 53 -2.94 9.70 -23.58
C ALA A 53 -2.64 11.16 -23.25
N MET A 54 -1.57 11.40 -22.50
CA MET A 54 -1.14 12.78 -22.20
C MET A 54 -0.76 13.59 -23.44
N ALA A 55 -0.07 12.96 -24.40
CA ALA A 55 0.36 13.66 -25.63
C ALA A 55 -0.85 14.08 -26.50
N ILE A 56 -1.82 13.20 -26.61
CA ILE A 56 -3.11 13.52 -27.20
C ILE A 56 -3.93 14.34 -26.20
N ILE A 67 -5.98 17.92 -11.52
CA ILE A 67 -4.54 18.11 -11.53
C ILE A 67 -3.92 17.91 -12.91
N ALA A 68 -2.77 18.55 -13.13
CA ALA A 68 -1.97 18.34 -14.32
C ALA A 68 -1.36 16.94 -14.32
N HIS A 69 -1.28 16.34 -15.51
CA HIS A 69 -0.61 15.03 -15.68
C HIS A 69 -1.09 13.92 -14.76
N TYR A 70 -2.40 13.82 -14.60
CA TYR A 70 -3.01 12.70 -13.85
C TYR A 70 -2.48 11.34 -14.28
N ALA A 71 -2.45 11.12 -15.60
CA ALA A 71 -2.08 9.83 -16.17
C ALA A 71 -0.65 9.39 -15.79
N ARG A 72 0.17 10.36 -15.39
CA ARG A 72 1.50 10.04 -14.87
C ARG A 72 1.41 9.14 -13.62
N TYR A 73 0.44 9.41 -12.74
CA TYR A 73 0.22 8.60 -11.56
C TYR A 73 -0.29 7.21 -11.87
N ILE A 74 -1.14 7.12 -12.89
CA ILE A 74 -1.78 5.85 -13.27
C ILE A 74 -0.74 4.94 -13.88
N ASP A 75 0.17 5.54 -14.66
CA ASP A 75 1.41 4.89 -15.07
C ASP A 75 2.13 4.30 -13.83
N TRP A 76 2.52 5.17 -12.89
CA TRP A 76 3.26 4.75 -11.67
C TRP A 76 2.57 3.68 -10.85
N MET A 77 1.25 3.81 -10.71
CA MET A 77 0.43 2.81 -9.99
C MET A 77 0.74 1.38 -10.41
N VAL A 78 1.07 1.22 -11.69
CA VAL A 78 1.32 -0.09 -12.25
C VAL A 78 2.82 -0.38 -12.42
N THR A 79 3.57 0.55 -13.03
CA THR A 79 4.96 0.27 -13.41
C THR A 79 5.95 0.15 -12.24
N THR A 80 5.75 0.95 -11.19
CA THR A 80 6.68 0.95 -10.04
C THR A 80 6.66 -0.38 -9.27
N PRO A 81 5.46 -0.96 -9.01
CA PRO A 81 5.48 -2.30 -8.38
C PRO A 81 6.01 -3.38 -9.32
N LEU A 82 5.71 -3.27 -10.63
CA LEU A 82 6.27 -4.19 -11.60
C LEU A 82 7.80 -4.09 -11.67
N LEU A 83 8.31 -2.87 -11.58
CA LEU A 83 9.75 -2.65 -11.49
C LEU A 83 10.33 -3.34 -10.26
N LEU A 84 9.64 -3.27 -9.13
CA LEU A 84 10.07 -3.96 -7.93
C LEU A 84 9.95 -5.48 -8.06
N LEU A 85 8.94 -5.94 -8.80
CA LEU A 85 8.82 -7.35 -9.13
C LEU A 85 10.07 -7.85 -9.89
N SER A 86 10.46 -7.13 -10.94
CA SER A 86 11.68 -7.46 -11.70
C SER A 86 12.93 -7.50 -10.84
N LEU A 87 13.11 -6.47 -10.02
CA LEU A 87 14.26 -6.38 -9.15
C LEU A 87 14.31 -7.58 -8.21
N SER A 88 13.14 -7.96 -7.69
CA SER A 88 13.01 -9.08 -6.75
C SER A 88 13.35 -10.41 -7.43
N TRP A 89 12.77 -10.62 -8.61
CA TRP A 89 13.07 -11.81 -9.42
C TRP A 89 14.57 -11.94 -9.63
N THR A 90 15.22 -10.81 -9.89
CA THR A 90 16.67 -10.81 -10.09
C THR A 90 17.39 -11.25 -8.82
N ALA A 91 16.96 -10.70 -7.67
CA ALA A 91 17.58 -11.02 -6.39
C ALA A 91 17.47 -12.50 -6.06
N MET A 92 16.42 -13.12 -6.56
CA MET A 92 16.08 -14.50 -6.26
C MET A 92 16.14 -15.38 -7.51
N GLN A 93 17.00 -14.97 -8.44
CA GLN A 93 17.09 -15.58 -9.75
C GLN A 93 17.23 -17.09 -9.72
N PHE A 94 18.15 -17.61 -8.90
CA PHE A 94 18.43 -19.05 -8.89
C PHE A 94 17.96 -19.75 -7.61
N ILE A 95 16.90 -19.24 -6.99
CA ILE A 95 16.32 -19.82 -5.78
C ILE A 95 14.79 -19.72 -5.83
N LYS A 96 14.14 -20.35 -4.87
CA LYS A 96 12.69 -20.30 -4.70
C LYS A 96 12.23 -18.85 -4.49
N LYS A 97 11.13 -18.46 -5.12
CA LYS A 97 10.64 -17.09 -5.01
C LYS A 97 9.88 -16.85 -3.71
N ASP A 98 10.33 -15.84 -2.96
CA ASP A 98 9.69 -15.39 -1.73
C ASP A 98 8.56 -14.41 -2.08
N TRP A 99 7.38 -14.95 -2.36
CA TRP A 99 6.24 -14.14 -2.84
C TRP A 99 5.69 -13.16 -1.80
N THR A 100 5.80 -13.48 -0.52
CA THR A 100 5.31 -12.55 0.50
C THR A 100 6.22 -11.32 0.62
N LEU A 101 7.53 -11.52 0.44
CA LEU A 101 8.49 -10.42 0.36
C LEU A 101 8.19 -9.58 -0.89
N ILE A 102 7.95 -10.26 -2.01
CA ILE A 102 7.59 -9.57 -3.23
C ILE A 102 6.33 -8.73 -3.04
N GLY A 103 5.30 -9.31 -2.45
CA GLY A 103 4.03 -8.59 -2.22
C GLY A 103 4.23 -7.38 -1.31
N PHE A 104 4.99 -7.57 -0.24
CA PHE A 104 5.27 -6.47 0.67
C PHE A 104 5.85 -5.25 -0.06
N LEU A 105 6.89 -5.48 -0.86
CA LEU A 105 7.52 -4.40 -1.64
C LEU A 105 6.54 -3.77 -2.61
N MET A 106 5.76 -4.62 -3.27
CA MET A 106 4.84 -4.14 -4.29
C MET A 106 3.75 -3.24 -3.71
N SER A 107 3.16 -3.69 -2.62
CA SER A 107 2.11 -2.95 -1.92
C SER A 107 2.65 -1.67 -1.31
N THR A 108 3.76 -1.77 -0.61
CA THR A 108 4.38 -0.58 -0.03
C THR A 108 4.66 0.46 -1.12
N GLN A 109 5.08 0.00 -2.30
CA GLN A 109 5.35 0.92 -3.40
C GLN A 109 4.08 1.61 -3.90
N ILE A 110 2.95 0.91 -3.88
CA ILE A 110 1.71 1.53 -4.28
C ILE A 110 1.29 2.62 -3.29
N VAL A 111 1.57 2.41 -2.00
CA VAL A 111 1.36 3.44 -0.97
C VAL A 111 2.15 4.73 -1.29
N VAL A 112 3.40 4.57 -1.68
CA VAL A 112 4.21 5.72 -2.13
C VAL A 112 3.45 6.54 -3.17
N ILE A 113 2.96 5.87 -4.21
CA ILE A 113 2.31 6.56 -5.32
C ILE A 113 0.96 7.16 -4.90
N THR A 114 0.12 6.38 -4.22
CA THR A 114 -1.16 6.92 -3.75
C THR A 114 -0.97 8.12 -2.81
N SER A 115 -0.01 8.04 -1.90
CA SER A 115 0.34 9.18 -1.05
C SER A 115 0.71 10.41 -1.90
N GLY A 116 1.52 10.18 -2.95
CA GLY A 116 1.95 11.23 -3.86
C GLY A 116 0.78 11.90 -4.53
N LEU A 117 -0.15 11.08 -5.02
CA LEU A 117 -1.36 11.59 -5.64
C LEU A 117 -2.26 12.34 -4.65
N ILE A 118 -2.53 11.76 -3.48
CA ILE A 118 -3.32 12.47 -2.46
C ILE A 118 -2.65 13.82 -2.14
N ALA A 119 -1.33 13.83 -1.97
CA ALA A 119 -0.59 15.08 -1.77
C ALA A 119 -0.91 16.09 -2.86
N ASP A 120 -0.84 15.63 -4.13
CA ASP A 120 -1.07 16.50 -5.28
C ASP A 120 -2.54 16.98 -5.37
N LEU A 121 -3.47 16.18 -4.84
CA LEU A 121 -4.89 16.57 -4.74
C LEU A 121 -5.23 17.51 -3.58
N SER A 122 -4.28 17.75 -2.68
CA SER A 122 -4.59 18.49 -1.45
C SER A 122 -4.63 20.00 -1.68
N GLU A 123 -5.66 20.65 -1.17
CA GLU A 123 -5.77 22.12 -1.22
C GLU A 123 -4.78 22.76 -0.25
N ARG A 124 -4.84 22.38 1.02
CA ARG A 124 -4.01 22.98 2.06
C ARG A 124 -2.57 22.48 1.99
N ASP A 125 -1.64 23.43 2.08
CA ASP A 125 -0.21 23.14 2.01
C ASP A 125 0.29 22.18 3.10
N TRP A 126 -0.14 22.38 4.34
CA TRP A 126 0.31 21.47 5.40
C TRP A 126 -0.12 20.02 5.14
N VAL A 127 -1.30 19.85 4.54
CA VAL A 127 -1.85 18.55 4.20
C VAL A 127 -1.06 17.92 3.03
N ARG A 128 -0.85 18.69 1.97
CA ARG A 128 0.02 18.32 0.84
C ARG A 128 1.36 17.75 1.33
N TYR A 129 2.03 18.48 2.21
CA TYR A 129 3.38 18.10 2.63
C TYR A 129 3.45 16.90 3.56
N LEU A 130 2.44 16.76 4.42
CA LEU A 130 2.33 15.57 5.26
C LEU A 130 2.14 14.29 4.43
N TRP A 131 1.27 14.36 3.43
CA TRP A 131 1.10 13.24 2.50
C TRP A 131 2.38 12.96 1.72
N TYR A 132 3.12 14.02 1.37
CA TYR A 132 4.41 13.86 0.72
C TYR A 132 5.37 13.10 1.62
N ILE A 133 5.46 13.53 2.88
CA ILE A 133 6.28 12.86 3.90
C ILE A 133 5.91 11.39 4.08
N CYS A 134 4.61 11.11 4.22
CA CYS A 134 4.10 9.74 4.26
C CYS A 134 4.60 8.89 3.07
N GLY A 135 4.52 9.45 1.86
CA GLY A 135 5.08 8.79 0.68
C GLY A 135 6.58 8.56 0.79
N VAL A 136 7.30 9.56 1.31
CA VAL A 136 8.74 9.43 1.52
C VAL A 136 9.06 8.32 2.52
N CYS A 137 8.27 8.24 3.60
CA CYS A 137 8.45 7.17 4.59
C CYS A 137 8.25 5.76 3.99
N ALA A 138 7.19 5.57 3.22
CA ALA A 138 6.95 4.32 2.53
C ALA A 138 8.11 4.01 1.55
N PHE A 139 8.61 5.04 0.89
CA PHE A 139 9.73 4.92 -0.03
C PHE A 139 11.01 4.53 0.71
N LEU A 140 11.21 5.10 1.90
CA LEU A 140 12.34 4.72 2.75
C LEU A 140 12.27 3.25 3.14
N ILE A 141 11.06 2.74 3.32
CA ILE A 141 10.88 1.33 3.67
C ILE A 141 11.18 0.42 2.48
N ILE A 142 10.77 0.87 1.28
CA ILE A 142 11.18 0.23 0.03
C ILE A 142 12.71 0.19 -0.07
N LEU A 143 13.38 1.32 0.16
CA LEU A 143 14.86 1.36 0.08
C LEU A 143 15.54 0.43 1.08
N TRP A 144 15.07 0.47 2.32
CA TRP A 144 15.46 -0.51 3.31
C TRP A 144 15.22 -1.94 2.81
N GLY A 145 14.04 -2.18 2.23
CA GLY A 145 13.70 -3.51 1.73
C GLY A 145 14.65 -4.05 0.68
N ILE A 146 14.98 -3.23 -0.31
CA ILE A 146 15.81 -3.69 -1.44
C ILE A 146 17.30 -3.84 -1.05
N TRP A 147 17.72 -3.08 -0.03
CA TRP A 147 19.11 -3.10 0.42
C TRP A 147 19.41 -4.12 1.53
N ASN A 148 18.37 -4.66 2.14
CA ASN A 148 18.54 -5.57 3.27
C ASN A 148 17.94 -6.97 3.00
N PRO A 149 16.66 -7.25 3.34
CA PRO A 149 16.15 -8.61 3.09
C PRO A 149 16.21 -9.05 1.61
N LEU A 150 15.95 -8.13 0.68
CA LEU A 150 16.06 -8.48 -0.74
C LEU A 150 17.51 -8.76 -1.14
N ARG A 151 18.42 -7.92 -0.66
CA ARG A 151 19.85 -8.09 -0.90
C ARG A 151 20.43 -9.38 -0.30
N ALA A 152 19.89 -9.79 0.86
CA ALA A 152 20.36 -10.97 1.59
C ALA A 152 20.09 -12.27 0.83
N LYS A 153 19.04 -12.26 0.00
CA LYS A 153 18.67 -13.39 -0.85
C LYS A 153 19.79 -13.74 -1.82
N THR A 154 20.57 -12.73 -2.22
CA THR A 154 21.65 -12.94 -3.18
C THR A 154 22.89 -13.56 -2.52
N ARG A 155 23.02 -13.42 -1.20
CA ARG A 155 24.18 -13.97 -0.49
C ARG A 155 24.21 -15.49 -0.41
N THR A 156 23.07 -16.13 -0.63
CA THR A 156 22.99 -17.59 -0.72
C THR A 156 23.39 -18.11 -2.11
N GLN A 157 23.44 -17.20 -3.09
CA GLN A 157 23.72 -17.56 -4.48
C GLN A 157 25.13 -17.11 -4.87
N SER A 158 25.50 -17.27 -6.14
CA SER A 158 26.87 -16.98 -6.59
C SER A 158 27.21 -15.50 -6.45
N SER A 159 28.50 -15.19 -6.28
CA SER A 159 28.96 -13.82 -6.15
C SER A 159 28.78 -13.00 -7.43
N GLU A 160 28.75 -13.68 -8.57
CA GLU A 160 28.40 -13.06 -9.86
C GLU A 160 26.99 -12.46 -9.81
N LEU A 161 26.03 -13.26 -9.33
CA LEU A 161 24.66 -12.76 -9.17
C LEU A 161 24.62 -11.64 -8.15
N ALA A 162 25.32 -11.82 -7.04
CA ALA A 162 25.36 -10.83 -5.96
C ALA A 162 25.91 -9.49 -6.45
N ASN A 163 26.93 -9.53 -7.29
CA ASN A 163 27.53 -8.31 -7.82
C ASN A 163 26.61 -7.64 -8.81
N LEU A 164 25.95 -8.44 -9.64
CA LEU A 164 24.97 -7.90 -10.58
C LEU A 164 23.85 -7.18 -9.85
N TYR A 165 23.29 -7.84 -8.83
CA TYR A 165 22.24 -7.23 -8.04
C TYR A 165 22.71 -5.89 -7.44
N ASP A 166 23.93 -5.89 -6.91
CA ASP A 166 24.52 -4.68 -6.33
C ASP A 166 24.58 -3.51 -7.30
N LYS A 167 24.99 -3.77 -8.54
CA LYS A 167 24.95 -2.74 -9.59
C LYS A 167 23.52 -2.33 -9.88
N LEU A 168 22.63 -3.32 -10.00
CA LEU A 168 21.22 -3.06 -10.31
C LEU A 168 20.50 -2.27 -9.23
N VAL A 169 20.67 -2.67 -7.98
CA VAL A 169 20.02 -1.96 -6.87
C VAL A 169 20.54 -0.54 -6.70
N THR A 170 21.83 -0.33 -6.95
CA THR A 170 22.44 1.00 -6.92
C THR A 170 21.81 1.92 -7.96
N TYR A 171 21.75 1.44 -9.21
CA TYR A 171 21.13 2.16 -10.31
C TYR A 171 19.67 2.47 -9.99
N PHE A 172 18.93 1.43 -9.60
CA PHE A 172 17.55 1.54 -9.16
C PHE A 172 17.37 2.65 -8.11
N THR A 173 18.15 2.58 -7.02
CA THR A 173 18.10 3.54 -5.91
C THR A 173 18.38 4.97 -6.38
N VAL A 174 19.42 5.15 -7.18
CA VAL A 174 19.78 6.50 -7.62
C VAL A 174 18.62 7.17 -8.36
N LEU A 175 18.05 6.47 -9.36
CA LEU A 175 16.91 6.99 -10.14
C LEU A 175 15.67 7.23 -9.30
N TRP A 176 15.31 6.28 -8.46
CA TRP A 176 14.10 6.44 -7.66
C TRP A 176 14.13 7.65 -6.71
N ILE A 177 15.31 7.99 -6.17
CA ILE A 177 15.45 9.18 -5.33
C ILE A 177 15.11 10.44 -6.11
N GLY A 178 15.39 10.44 -7.41
CA GLY A 178 15.09 11.59 -8.27
C GLY A 178 13.62 12.02 -8.30
N TYR A 179 12.71 11.03 -8.27
CA TYR A 179 11.26 11.29 -8.34
C TYR A 179 10.70 12.21 -7.23
N PRO A 180 10.91 11.86 -5.95
CA PRO A 180 10.49 12.79 -4.88
C PRO A 180 11.16 14.18 -4.99
N ILE A 181 12.39 14.23 -5.51
CA ILE A 181 13.05 15.51 -5.75
C ILE A 181 12.38 16.33 -6.87
N VAL A 182 12.15 15.71 -8.02
CA VAL A 182 11.56 16.42 -9.16
C VAL A 182 10.15 16.90 -8.81
N TRP A 183 9.39 16.06 -8.12
CA TRP A 183 8.05 16.41 -7.61
C TRP A 183 8.12 17.69 -6.75
N ILE A 184 8.94 17.67 -5.71
CA ILE A 184 8.94 18.76 -4.73
C ILE A 184 9.50 20.11 -5.25
N ILE A 185 10.36 20.06 -6.27
CA ILE A 185 10.92 21.30 -6.81
C ILE A 185 10.04 21.93 -7.87
N GLY A 186 9.09 21.17 -8.40
CA GLY A 186 8.21 21.66 -9.44
C GLY A 186 6.92 22.23 -8.89
N PRO A 187 5.93 22.46 -9.77
CA PRO A 187 4.66 23.08 -9.38
C PRO A 187 3.90 22.37 -8.25
N SER A 188 4.04 21.06 -8.12
CA SER A 188 3.39 20.31 -7.04
C SER A 188 3.98 20.62 -5.66
N GLY A 189 5.24 21.06 -5.64
CA GLY A 189 5.92 21.42 -4.42
C GLY A 189 6.24 22.89 -4.31
N PHE A 190 7.52 23.20 -4.27
CA PHE A 190 8.01 24.58 -4.04
C PHE A 190 7.87 25.51 -5.25
N GLY A 191 7.77 24.94 -6.46
CA GLY A 191 7.63 25.76 -7.67
C GLY A 191 8.90 26.45 -8.15
N TRP A 192 10.03 25.80 -7.91
CA TRP A 192 11.34 26.31 -8.34
C TRP A 192 11.52 26.18 -9.83
N ILE A 193 10.84 25.21 -10.43
CA ILE A 193 10.81 25.04 -11.88
C ILE A 193 9.38 24.95 -12.43
N ASN A 194 9.16 25.51 -13.62
CA ASN A 194 7.84 25.48 -14.29
C ASN A 194 7.40 24.07 -14.76
N GLN A 195 6.17 23.97 -15.24
CA GLN A 195 5.58 22.70 -15.61
C GLN A 195 6.30 22.02 -16.78
N THR A 196 6.77 22.81 -17.74
CA THR A 196 7.44 22.28 -18.93
C THR A 196 8.76 21.60 -18.60
N ILE A 197 9.57 22.24 -17.77
CA ILE A 197 10.83 21.66 -17.34
C ILE A 197 10.57 20.43 -16.45
N ASP A 198 9.59 20.56 -15.55
CA ASP A 198 9.16 19.43 -14.74
C ASP A 198 8.76 18.20 -15.59
N THR A 199 7.97 18.45 -16.63
CA THR A 199 7.57 17.41 -17.60
C THR A 199 8.80 16.79 -18.25
N PHE A 200 9.75 17.63 -18.64
CA PHE A 200 10.98 17.16 -19.28
C PHE A 200 11.74 16.19 -18.39
N LEU A 201 11.86 16.54 -17.11
CA LEU A 201 12.47 15.64 -16.14
C LEU A 201 11.63 14.39 -15.92
N PHE A 202 10.31 14.55 -15.91
CA PHE A 202 9.43 13.38 -15.77
C PHE A 202 9.29 12.58 -17.09
N CYS A 203 10.07 12.96 -18.08
CA CYS A 203 10.26 12.19 -19.30
C CYS A 203 11.64 11.51 -19.30
N LEU A 204 12.67 12.24 -18.86
CA LEU A 204 14.03 11.70 -18.80
C LEU A 204 14.20 10.59 -17.79
N LEU A 205 13.80 10.87 -16.56
CA LEU A 205 13.93 9.97 -15.42
C LEU A 205 13.25 8.61 -15.66
N PRO A 206 11.96 8.62 -16.07
CA PRO A 206 11.30 7.33 -16.31
C PRO A 206 11.92 6.55 -17.47
N PHE A 207 12.51 7.24 -18.44
CA PHE A 207 13.14 6.52 -19.52
C PHE A 207 14.26 5.66 -18.96
N PHE A 208 15.09 6.26 -18.12
CA PHE A 208 16.17 5.50 -17.48
C PHE A 208 15.70 4.47 -16.46
N SER A 209 14.58 4.74 -15.79
CA SER A 209 13.98 3.78 -14.85
C SER A 209 13.31 2.59 -15.54
N LYS A 210 12.67 2.83 -16.68
CA LYS A 210 11.91 1.78 -17.37
C LYS A 210 12.67 1.05 -18.47
N VAL A 211 13.39 1.77 -19.31
CA VAL A 211 14.17 1.13 -20.35
C VAL A 211 15.60 0.86 -19.83
N GLY A 212 16.23 1.89 -19.26
CA GLY A 212 17.59 1.75 -18.71
C GLY A 212 17.75 0.61 -17.73
N PHE A 213 16.88 0.56 -16.72
CA PHE A 213 16.99 -0.47 -15.69
C PHE A 213 16.76 -1.87 -16.24
N SER A 214 15.72 -2.02 -17.05
CA SER A 214 15.39 -3.32 -17.60
C SER A 214 16.42 -3.78 -18.61
N PHE A 215 16.96 -2.86 -19.40
CA PHE A 215 18.10 -3.15 -20.25
C PHE A 215 19.27 -3.73 -19.44
N LEU A 216 19.64 -3.06 -18.35
CA LEU A 216 20.73 -3.56 -17.52
C LEU A 216 20.41 -4.88 -16.81
N GLU A 217 19.16 -5.04 -16.37
CA GLU A 217 18.74 -6.28 -15.74
C GLU A 217 18.86 -7.45 -16.73
N LEU A 218 18.22 -7.31 -17.88
CA LEU A 218 18.13 -8.41 -18.85
C LEU A 218 19.51 -8.77 -19.43
N HIS A 219 20.29 -7.78 -19.83
CA HIS A 219 21.61 -8.04 -20.36
C HIS A 219 22.57 -8.56 -19.30
N GLY A 220 22.43 -8.05 -18.08
CA GLY A 220 23.18 -8.58 -16.94
C GLY A 220 22.89 -10.06 -16.70
N LEU A 221 21.63 -10.42 -16.57
CA LEU A 221 21.25 -11.85 -16.39
C LEU A 221 21.65 -12.77 -17.56
N ARG A 222 21.47 -12.31 -18.80
CA ARG A 222 21.90 -13.06 -20.01
C ARG A 222 23.41 -13.32 -20.03
N ASN A 223 24.17 -12.26 -19.73
CA ASN A 223 25.62 -12.35 -19.68
C ASN A 223 26.10 -13.26 -18.55
N LEU A 224 25.41 -13.21 -17.42
CA LEU A 224 25.68 -14.13 -16.31
C LEU A 224 25.48 -15.61 -16.69
N ASN A 225 24.36 -15.93 -17.34
CA ASN A 225 24.14 -17.30 -17.87
C ASN A 225 25.13 -17.67 -18.98
N ASP A 226 25.47 -16.70 -19.83
CA ASP A 226 26.18 -16.88 -21.10
C ASP A 226 25.23 -17.43 -22.19
N MET B 1 -24.55 21.81 20.14
CA MET B 1 -24.13 20.46 19.68
C MET B 1 -25.19 19.81 18.77
N ASN B 2 -24.81 19.56 17.52
CA ASN B 2 -25.68 18.85 16.58
C ASN B 2 -25.57 17.33 16.71
N LEU B 3 -26.33 16.63 15.90
CA LEU B 3 -26.45 15.18 15.98
C LEU B 3 -25.14 14.44 15.67
N GLU B 4 -24.44 14.88 14.62
CA GLU B 4 -23.17 14.27 14.21
C GLU B 4 -22.09 14.40 15.31
N SER B 5 -22.05 15.58 15.92
CA SER B 5 -21.12 15.85 17.02
C SER B 5 -21.38 14.89 18.18
N LEU B 6 -22.67 14.73 18.52
CA LEU B 6 -23.11 13.87 19.61
C LEU B 6 -22.74 12.42 19.36
N LEU B 7 -22.99 11.94 18.14
CA LEU B 7 -22.59 10.58 17.75
C LEU B 7 -21.09 10.42 17.88
N HIS B 8 -20.32 11.39 17.41
CA HIS B 8 -18.86 11.36 17.56
C HIS B 8 -18.39 11.36 19.03
N TRP B 9 -18.99 12.20 19.86
CA TRP B 9 -18.66 12.21 21.30
C TRP B 9 -18.97 10.90 22.00
N ILE B 10 -20.10 10.28 21.62
CA ILE B 10 -20.46 8.96 22.16
C ILE B 10 -19.42 7.91 21.73
N TYR B 11 -19.03 7.94 20.45
CA TYR B 11 -17.98 7.08 19.94
C TYR B 11 -16.66 7.31 20.72
N VAL B 12 -16.30 8.58 20.93
CA VAL B 12 -15.13 8.92 21.76
C VAL B 12 -15.21 8.29 23.16
N ALA B 13 -16.38 8.39 23.80
CA ALA B 13 -16.58 7.72 25.09
C ALA B 13 -16.42 6.19 24.97
N GLY B 14 -16.93 5.60 23.89
CA GLY B 14 -16.79 4.16 23.61
C GLY B 14 -15.34 3.71 23.51
N MET B 15 -14.56 4.42 22.69
CA MET B 15 -13.13 4.16 22.52
C MET B 15 -12.38 4.28 23.84
N THR B 16 -12.71 5.32 24.61
CA THR B 16 -12.09 5.57 25.91
C THR B 16 -12.28 4.44 26.89
N ILE B 17 -13.51 3.92 27.00
CA ILE B 17 -13.80 2.81 27.91
C ILE B 17 -13.14 1.48 27.46
N GLY B 18 -13.13 1.23 26.15
CA GLY B 18 -12.45 0.06 25.60
C GLY B 18 -10.95 0.07 25.83
N ALA B 19 -10.31 1.21 25.59
CA ALA B 19 -8.86 1.33 25.81
C ALA B 19 -8.49 1.16 27.29
N LEU B 20 -9.32 1.70 28.19
CA LEU B 20 -9.12 1.54 29.64
C LEU B 20 -9.26 0.09 30.04
N HIS B 21 -10.28 -0.57 29.48
CA HIS B 21 -10.43 -2.00 29.65
C HIS B 21 -9.15 -2.74 29.21
N PHE B 22 -8.70 -2.48 27.99
CA PHE B 22 -7.53 -3.18 27.47
C PHE B 22 -6.29 -2.89 28.31
N TRP B 23 -6.20 -1.65 28.79
CA TRP B 23 -5.14 -1.27 29.71
C TRP B 23 -5.23 -2.07 31.01
N SER B 24 -6.44 -2.12 31.59
CA SER B 24 -6.69 -2.94 32.78
C SER B 24 -6.30 -4.42 32.63
N LEU B 25 -6.78 -5.06 31.55
CA LEU B 25 -6.32 -6.41 31.17
C LEU B 25 -4.80 -6.54 31.08
N SER B 26 -4.13 -5.54 30.49
CA SER B 26 -2.66 -5.60 30.34
C SER B 26 -1.91 -5.71 31.67
N ARG B 27 -2.54 -5.23 32.76
CA ARG B 27 -1.89 -5.21 34.08
C ARG B 27 -1.98 -6.58 34.77
N ASN B 28 -2.97 -7.38 34.36
CA ASN B 28 -3.08 -8.78 34.77
C ASN B 28 -3.08 -9.64 33.49
N PRO B 29 -1.90 -9.79 32.84
CA PRO B 29 -1.73 -10.24 31.44
C PRO B 29 -2.25 -11.62 31.09
N ARG B 30 -2.06 -12.58 32.01
CA ARG B 30 -2.52 -13.97 31.82
C ARG B 30 -1.87 -14.64 30.60
N GLY B 31 -0.55 -14.50 30.49
CA GLY B 31 0.20 -15.13 29.41
C GLY B 31 0.20 -14.42 28.06
N VAL B 32 -0.52 -13.30 27.94
CA VAL B 32 -0.57 -12.56 26.68
C VAL B 32 0.55 -11.52 26.67
N PRO B 33 1.39 -11.51 25.62
CA PRO B 33 2.53 -10.62 25.59
C PRO B 33 2.09 -9.16 25.56
N GLN B 34 2.91 -8.25 26.09
CA GLN B 34 2.56 -6.83 26.15
C GLN B 34 2.32 -6.18 24.79
N TYR B 35 3.05 -6.59 23.76
CA TYR B 35 2.87 -5.97 22.44
C TYR B 35 1.44 -6.13 21.91
N GLU B 36 0.78 -7.24 22.23
CA GLU B 36 -0.62 -7.42 21.86
C GLU B 36 -1.57 -6.47 22.57
N TYR B 37 -1.34 -6.28 23.87
CA TYR B 37 -2.08 -5.30 24.67
C TYR B 37 -1.93 -3.88 24.16
N LEU B 38 -0.69 -3.51 23.85
CA LEU B 38 -0.36 -2.13 23.52
C LEU B 38 -0.99 -1.73 22.19
N VAL B 39 -0.93 -2.60 21.21
CA VAL B 39 -1.60 -2.38 19.93
C VAL B 39 -3.11 -2.31 20.12
N ALA B 40 -3.65 -3.20 20.96
CA ALA B 40 -5.10 -3.20 21.24
C ALA B 40 -5.55 -1.90 21.90
N MET B 41 -4.69 -1.36 22.76
CA MET B 41 -4.94 -0.06 23.41
C MET B 41 -4.79 1.12 22.47
N PHE B 42 -3.74 1.11 21.66
CA PHE B 42 -3.41 2.22 20.74
C PHE B 42 -4.52 2.46 19.70
N ILE B 43 -5.03 1.37 19.12
CA ILE B 43 -6.09 1.46 18.10
C ILE B 43 -7.26 2.40 18.50
N PRO B 44 -7.94 2.12 19.63
CA PRO B 44 -9.05 3.00 20.01
C PRO B 44 -8.62 4.41 20.44
N ILE B 45 -7.42 4.58 20.99
CA ILE B 45 -6.92 5.92 21.31
C ILE B 45 -6.75 6.75 20.04
N TRP B 46 -6.06 6.19 19.04
CA TRP B 46 -5.88 6.85 17.75
C TRP B 46 -7.23 7.18 17.12
N SER B 47 -8.11 6.18 17.06
CA SER B 47 -9.45 6.40 16.51
C SER B 47 -10.23 7.41 17.37
N GLY B 48 -10.16 7.24 18.70
CA GLY B 48 -10.74 8.21 19.63
C GLY B 48 -10.35 9.65 19.35
N LEU B 49 -9.06 9.89 19.17
CA LEU B 49 -8.54 11.24 18.92
C LEU B 49 -8.99 11.81 17.56
N ALA B 50 -8.91 10.99 16.51
CA ALA B 50 -9.50 11.35 15.22
C ALA B 50 -11.00 11.74 15.32
N TYR B 51 -11.79 10.96 16.06
CA TYR B 51 -13.23 11.28 16.19
C TYR B 51 -13.51 12.51 17.05
N MET B 52 -12.67 12.71 18.08
CA MET B 52 -12.71 13.91 18.89
C MET B 52 -12.51 15.17 18.02
N ALA B 53 -11.50 15.15 17.14
CA ALA B 53 -11.29 16.19 16.14
C ALA B 53 -12.56 16.53 15.35
N MET B 54 -13.23 15.50 14.81
CA MET B 54 -14.51 15.71 14.12
C MET B 54 -15.60 16.27 15.04
N ALA B 55 -15.65 15.78 16.29
CA ALA B 55 -16.66 16.22 17.26
C ALA B 55 -16.55 17.71 17.61
N ILE B 56 -15.31 18.18 17.74
CA ILE B 56 -15.01 19.59 18.02
C ILE B 56 -15.37 20.52 16.84
N ASP B 57 -15.17 20.06 15.60
CA ASP B 57 -15.58 20.83 14.40
C ASP B 57 -17.09 21.06 14.34
N ILE B 67 -13.16 17.74 1.96
CA ILE B 67 -14.28 16.82 2.11
C ILE B 67 -14.70 16.64 3.57
N ALA B 68 -15.91 16.12 3.73
CA ALA B 68 -16.49 15.76 5.02
C ALA B 68 -15.76 14.58 5.65
N HIS B 69 -15.60 14.64 6.97
CA HIS B 69 -15.03 13.52 7.74
C HIS B 69 -13.68 13.06 7.23
N TYR B 70 -12.85 14.03 6.86
CA TYR B 70 -11.48 13.74 6.42
C TYR B 70 -10.75 12.89 7.45
N ALA B 71 -10.91 13.23 8.73
CA ALA B 71 -10.23 12.57 9.85
C ALA B 71 -10.55 11.06 9.97
N ARG B 72 -11.73 10.66 9.50
CA ARG B 72 -12.09 9.25 9.39
C ARG B 72 -11.04 8.46 8.58
N TYR B 73 -10.57 9.03 7.48
CA TYR B 73 -9.51 8.35 6.69
C TYR B 73 -8.17 8.29 7.40
N ILE B 74 -7.85 9.34 8.16
CA ILE B 74 -6.58 9.41 8.87
C ILE B 74 -6.59 8.42 10.02
N ASP B 75 -7.76 8.25 10.63
CA ASP B 75 -7.97 7.16 11.57
C ASP B 75 -7.65 5.82 10.90
N TRP B 76 -8.37 5.51 9.82
CA TRP B 76 -8.20 4.23 9.12
C TRP B 76 -6.78 3.99 8.65
N MET B 77 -6.10 5.04 8.20
CA MET B 77 -4.71 4.92 7.74
C MET B 77 -3.83 4.18 8.73
N VAL B 78 -4.14 4.33 10.01
CA VAL B 78 -3.31 3.77 11.07
C VAL B 78 -3.97 2.55 11.67
N THR B 79 -5.25 2.67 11.99
CA THR B 79 -5.93 1.59 12.75
C THR B 79 -6.14 0.30 11.98
N THR B 80 -6.40 0.39 10.67
CA THR B 80 -6.67 -0.84 9.89
C THR B 80 -5.47 -1.78 9.70
N PRO B 81 -4.27 -1.24 9.39
CA PRO B 81 -3.10 -2.13 9.42
C PRO B 81 -2.74 -2.66 10.82
N LEU B 82 -2.93 -1.84 11.85
CA LEU B 82 -2.71 -2.29 13.24
C LEU B 82 -3.67 -3.41 13.59
N LEU B 83 -4.91 -3.30 13.13
CA LEU B 83 -5.87 -4.38 13.32
C LEU B 83 -5.43 -5.67 12.62
N LEU B 84 -4.88 -5.55 11.41
CA LEU B 84 -4.30 -6.69 10.69
C LEU B 84 -3.09 -7.28 11.40
N LEU B 85 -2.27 -6.41 11.97
CA LEU B 85 -1.16 -6.80 12.85
C LEU B 85 -1.66 -7.67 14.01
N SER B 86 -2.63 -7.17 14.75
CA SER B 86 -3.28 -7.95 15.83
C SER B 86 -3.82 -9.29 15.35
N LEU B 87 -4.50 -9.28 14.20
CA LEU B 87 -5.04 -10.52 13.66
C LEU B 87 -3.90 -11.46 13.32
N SER B 88 -2.85 -10.92 12.71
CA SER B 88 -1.68 -11.70 12.32
C SER B 88 -0.93 -12.27 13.53
N TRP B 89 -0.76 -11.46 14.58
CA TRP B 89 -0.15 -11.97 15.81
C TRP B 89 -0.94 -13.15 16.36
N THR B 90 -2.27 -13.02 16.41
CA THR B 90 -3.14 -14.11 16.88
C THR B 90 -2.95 -15.39 16.03
N ALA B 91 -2.97 -15.29 14.71
CA ALA B 91 -2.80 -16.48 13.84
C ALA B 91 -1.49 -17.20 14.07
N MET B 92 -0.47 -16.44 14.44
CA MET B 92 0.87 -16.93 14.66
C MET B 92 1.27 -16.92 16.14
N GLN B 93 0.28 -17.00 17.03
CA GLN B 93 0.49 -16.85 18.47
C GLN B 93 1.63 -17.67 19.04
N PHE B 94 1.66 -18.96 18.72
CA PHE B 94 2.64 -19.87 19.30
C PHE B 94 3.69 -20.39 18.31
N ILE B 95 3.96 -19.60 17.27
CA ILE B 95 4.98 -19.93 16.29
C ILE B 95 5.78 -18.67 15.99
N LYS B 96 6.80 -18.83 15.14
CA LYS B 96 7.62 -17.72 14.69
C LYS B 96 6.74 -16.74 13.92
N LYS B 97 6.92 -15.45 14.16
CA LYS B 97 6.12 -14.44 13.44
C LYS B 97 6.71 -14.22 12.04
N ASP B 98 5.87 -14.37 11.02
CA ASP B 98 6.23 -14.18 9.62
C ASP B 98 6.04 -12.69 9.32
N TRP B 99 7.12 -11.94 9.39
CA TRP B 99 7.04 -10.47 9.29
C TRP B 99 6.75 -9.93 7.90
N THR B 100 7.19 -10.65 6.87
CA THR B 100 6.95 -10.18 5.51
C THR B 100 5.49 -10.40 5.13
N LEU B 101 4.88 -11.47 5.65
CA LEU B 101 3.43 -11.70 5.49
C LEU B 101 2.63 -10.62 6.20
N ILE B 102 3.03 -10.32 7.44
CA ILE B 102 2.47 -9.21 8.21
C ILE B 102 2.60 -7.91 7.41
N GLY B 103 3.82 -7.62 6.95
CA GLY B 103 4.09 -6.43 6.13
C GLY B 103 3.22 -6.38 4.87
N PHE B 104 3.11 -7.52 4.18
CA PHE B 104 2.27 -7.60 2.99
C PHE B 104 0.82 -7.14 3.27
N LEU B 105 0.21 -7.75 4.28
CA LEU B 105 -1.15 -7.43 4.70
C LEU B 105 -1.30 -5.99 5.10
N MET B 106 -0.32 -5.48 5.86
CA MET B 106 -0.40 -4.09 6.36
C MET B 106 -0.36 -3.07 5.25
N SER B 107 0.62 -3.20 4.35
CA SER B 107 0.72 -2.30 3.21
C SER B 107 -0.48 -2.40 2.26
N THR B 108 -0.89 -3.62 1.92
CA THR B 108 -2.07 -3.79 1.03
C THR B 108 -3.30 -3.08 1.62
N GLN B 109 -3.46 -3.16 2.94
CA GLN B 109 -4.57 -2.51 3.61
C GLN B 109 -4.48 -0.97 3.56
N ILE B 110 -3.27 -0.43 3.62
CA ILE B 110 -3.10 1.00 3.41
C ILE B 110 -3.51 1.44 1.98
N VAL B 111 -3.24 0.61 0.96
CA VAL B 111 -3.74 0.88 -0.40
C VAL B 111 -5.29 0.97 -0.45
N VAL B 112 -5.98 0.06 0.23
CA VAL B 112 -7.44 0.14 0.36
C VAL B 112 -7.89 1.54 0.81
N ILE B 113 -7.29 2.03 1.90
CA ILE B 113 -7.66 3.30 2.49
C ILE B 113 -7.30 4.47 1.59
N THR B 114 -6.08 4.48 1.07
CA THR B 114 -5.68 5.58 0.18
C THR B 114 -6.54 5.62 -1.08
N SER B 115 -6.84 4.44 -1.64
CA SER B 115 -7.76 4.36 -2.78
C SER B 115 -9.12 4.96 -2.44
N GLY B 116 -9.65 4.64 -1.25
CA GLY B 116 -10.91 5.21 -0.77
C GLY B 116 -10.87 6.72 -0.69
N LEU B 117 -9.76 7.24 -0.14
CA LEU B 117 -9.58 8.67 -0.05
C LEU B 117 -9.47 9.32 -1.43
N ILE B 118 -8.64 8.76 -2.31
CA ILE B 118 -8.55 9.29 -3.67
C ILE B 118 -9.92 9.29 -4.32
N ALA B 119 -10.64 8.17 -4.18
CA ALA B 119 -12.00 8.05 -4.69
C ALA B 119 -12.86 9.21 -4.19
N ASP B 120 -12.82 9.44 -2.87
CA ASP B 120 -13.62 10.49 -2.23
C ASP B 120 -13.17 11.90 -2.64
N LEU B 121 -11.88 12.07 -2.94
CA LEU B 121 -11.35 13.35 -3.46
C LEU B 121 -11.62 13.63 -4.96
N SER B 122 -12.20 12.67 -5.67
CA SER B 122 -12.31 12.76 -7.14
C SER B 122 -13.53 13.55 -7.52
N GLU B 123 -13.38 14.39 -8.56
CA GLU B 123 -14.50 15.18 -9.06
C GLU B 123 -15.28 14.49 -10.19
N ARG B 124 -14.64 13.60 -10.93
CA ARG B 124 -15.35 12.87 -11.99
C ARG B 124 -15.82 11.51 -11.46
N ASP B 125 -17.10 11.21 -11.69
CA ASP B 125 -17.72 10.00 -11.18
C ASP B 125 -17.04 8.72 -11.64
N TRP B 126 -16.71 8.65 -12.93
CA TRP B 126 -16.03 7.46 -13.46
C TRP B 126 -14.69 7.20 -12.77
N VAL B 127 -13.94 8.26 -12.49
CA VAL B 127 -12.70 8.19 -11.72
C VAL B 127 -12.94 7.78 -10.26
N ARG B 128 -13.89 8.43 -9.61
CA ARG B 128 -14.31 8.05 -8.24
C ARG B 128 -14.57 6.55 -8.13
N TYR B 129 -15.33 5.99 -9.08
CA TYR B 129 -15.68 4.56 -8.98
C TYR B 129 -14.58 3.58 -9.33
N LEU B 130 -13.72 3.93 -10.28
CA LEU B 130 -12.51 3.12 -10.53
C LEU B 130 -11.59 3.04 -9.31
N TRP B 131 -11.39 4.16 -8.60
CA TRP B 131 -10.59 4.15 -7.37
C TRP B 131 -11.26 3.34 -6.27
N TYR B 132 -12.58 3.42 -6.19
CA TYR B 132 -13.35 2.56 -5.31
C TYR B 132 -13.11 1.08 -5.64
N ILE B 133 -13.21 0.73 -6.93
CA ILE B 133 -12.96 -0.63 -7.38
C ILE B 133 -11.53 -1.05 -7.06
N CYS B 134 -10.56 -0.17 -7.32
CA CYS B 134 -9.16 -0.38 -6.90
C CYS B 134 -9.06 -0.71 -5.41
N GLY B 135 -9.74 0.08 -4.57
CA GLY B 135 -9.82 -0.20 -3.14
C GLY B 135 -10.42 -1.57 -2.85
N VAL B 136 -11.49 -1.93 -3.58
CA VAL B 136 -12.16 -3.23 -3.36
C VAL B 136 -11.22 -4.38 -3.69
N CYS B 137 -10.51 -4.25 -4.82
CA CYS B 137 -9.54 -5.27 -5.24
C CYS B 137 -8.45 -5.51 -4.18
N ALA B 138 -7.87 -4.43 -3.66
CA ALA B 138 -6.90 -4.54 -2.56
C ALA B 138 -7.51 -5.24 -1.33
N PHE B 139 -8.74 -4.86 -1.03
CA PHE B 139 -9.52 -5.44 0.09
C PHE B 139 -9.76 -6.94 -0.13
N LEU B 140 -10.06 -7.32 -1.38
CA LEU B 140 -10.24 -8.74 -1.71
C LEU B 140 -8.96 -9.54 -1.50
N ILE B 141 -7.82 -8.91 -1.81
CA ILE B 141 -6.51 -9.50 -1.53
C ILE B 141 -6.28 -9.68 -0.02
N ILE B 142 -6.67 -8.68 0.77
CA ILE B 142 -6.66 -8.82 2.22
C ILE B 142 -7.50 -10.03 2.65
N LEU B 143 -8.72 -10.15 2.11
CA LEU B 143 -9.62 -11.23 2.50
C LEU B 143 -9.06 -12.58 2.09
N TRP B 144 -8.50 -12.65 0.89
CA TRP B 144 -7.82 -13.86 0.48
C TRP B 144 -6.66 -14.14 1.46
N GLY B 145 -5.88 -13.12 1.78
CA GLY B 145 -4.73 -13.23 2.69
C GLY B 145 -5.09 -13.77 4.06
N ILE B 146 -6.12 -13.23 4.68
CA ILE B 146 -6.47 -13.67 6.03
C ILE B 146 -7.16 -15.05 6.09
N TRP B 147 -7.77 -15.46 4.98
CA TRP B 147 -8.47 -16.75 4.90
C TRP B 147 -7.62 -17.90 4.37
N ASN B 148 -6.47 -17.56 3.80
CA ASN B 148 -5.61 -18.59 3.21
C ASN B 148 -4.23 -18.68 3.85
N PRO B 149 -3.24 -17.89 3.38
CA PRO B 149 -1.92 -18.01 4.02
C PRO B 149 -1.89 -17.66 5.50
N LEU B 150 -2.67 -16.68 5.96
CA LEU B 150 -2.65 -16.36 7.39
C LEU B 150 -3.33 -17.47 8.19
N ARG B 151 -4.43 -17.97 7.66
CA ARG B 151 -5.16 -19.07 8.28
C ARG B 151 -4.38 -20.40 8.36
N ALA B 152 -3.54 -20.68 7.35
CA ALA B 152 -2.72 -21.90 7.32
C ALA B 152 -1.68 -21.94 8.43
N LYS B 153 -1.30 -20.76 8.94
CA LYS B 153 -0.33 -20.67 10.04
C LYS B 153 -0.86 -21.32 11.31
N THR B 154 -2.19 -21.37 11.44
CA THR B 154 -2.80 -21.96 12.62
C THR B 154 -2.79 -23.48 12.59
N ARG B 155 -2.60 -24.07 11.40
CA ARG B 155 -2.72 -25.54 11.21
C ARG B 155 -1.59 -26.33 11.86
N THR B 156 -0.47 -25.66 12.10
CA THR B 156 0.65 -26.25 12.84
C THR B 156 0.48 -26.11 14.36
N GLN B 157 -0.54 -25.37 14.77
CA GLN B 157 -0.77 -25.11 16.18
C GLN B 157 -1.98 -25.89 16.67
N SER B 158 -2.33 -25.71 17.94
CA SER B 158 -3.47 -26.43 18.53
C SER B 158 -4.82 -26.06 17.88
N SER B 159 -5.80 -26.95 18.02
CA SER B 159 -7.12 -26.70 17.48
C SER B 159 -7.86 -25.64 18.29
N GLU B 160 -7.46 -25.44 19.54
CA GLU B 160 -7.98 -24.34 20.35
C GLU B 160 -7.59 -22.99 19.74
N LEU B 161 -6.32 -22.83 19.38
CA LEU B 161 -5.90 -21.63 18.68
C LEU B 161 -6.58 -21.49 17.30
N ALA B 162 -6.58 -22.57 16.52
CA ALA B 162 -7.22 -22.56 15.20
C ALA B 162 -8.69 -22.19 15.26
N ASN B 163 -9.40 -22.71 16.26
CA ASN B 163 -10.79 -22.38 16.49
C ASN B 163 -10.96 -20.94 16.89
N LEU B 164 -10.06 -20.44 17.72
CA LEU B 164 -10.10 -19.03 18.11
C LEU B 164 -9.90 -18.15 16.88
N TYR B 165 -8.92 -18.49 16.05
CA TYR B 165 -8.66 -17.72 14.84
C TYR B 165 -9.86 -17.61 13.92
N ASP B 166 -10.48 -18.77 13.66
CA ASP B 166 -11.65 -18.85 12.77
C ASP B 166 -12.77 -17.95 13.23
N LYS B 167 -13.02 -17.94 14.53
CA LYS B 167 -14.01 -17.07 15.15
C LYS B 167 -13.62 -15.60 14.95
N LEU B 168 -12.35 -15.28 15.15
CA LEU B 168 -11.87 -13.91 15.01
C LEU B 168 -11.86 -13.47 13.55
N VAL B 169 -11.36 -14.30 12.65
CA VAL B 169 -11.29 -13.92 11.23
C VAL B 169 -12.70 -13.75 10.62
N THR B 170 -13.65 -14.53 11.12
CA THR B 170 -15.05 -14.45 10.70
C THR B 170 -15.64 -13.12 11.16
N TYR B 171 -15.51 -12.83 12.45
CA TYR B 171 -15.97 -11.57 12.99
C TYR B 171 -15.30 -10.38 12.27
N PHE B 172 -13.99 -10.48 12.08
CA PHE B 172 -13.19 -9.50 11.35
C PHE B 172 -13.79 -9.24 9.95
N THR B 173 -13.97 -10.30 9.18
CA THR B 173 -14.46 -10.25 7.80
C THR B 173 -15.83 -9.61 7.69
N VAL B 174 -16.74 -10.01 8.58
CA VAL B 174 -18.11 -9.50 8.49
C VAL B 174 -18.12 -7.98 8.62
N LEU B 175 -17.41 -7.47 9.62
CA LEU B 175 -17.36 -6.03 9.87
C LEU B 175 -16.67 -5.27 8.77
N TRP B 176 -15.54 -5.78 8.30
CA TRP B 176 -14.77 -5.11 7.27
C TRP B 176 -15.51 -4.98 5.95
N ILE B 177 -16.32 -5.99 5.60
CA ILE B 177 -17.18 -5.93 4.43
C ILE B 177 -18.17 -4.75 4.56
N GLY B 178 -18.54 -4.42 5.80
CA GLY B 178 -19.45 -3.30 6.06
C GLY B 178 -18.98 -1.94 5.53
N TYR B 179 -17.67 -1.69 5.57
CA TYR B 179 -17.12 -0.38 5.21
C TYR B 179 -17.36 0.04 3.74
N PRO B 180 -16.93 -0.79 2.77
CA PRO B 180 -17.20 -0.46 1.37
C PRO B 180 -18.68 -0.31 1.06
N ILE B 181 -19.54 -1.09 1.74
CA ILE B 181 -20.98 -0.99 1.58
C ILE B 181 -21.52 0.37 2.06
N VAL B 182 -21.16 0.73 3.30
CA VAL B 182 -21.65 1.97 3.89
C VAL B 182 -21.14 3.17 3.07
N TRP B 183 -19.86 3.12 2.68
CA TRP B 183 -19.26 4.13 1.82
C TRP B 183 -20.10 4.34 0.57
N ILE B 184 -20.40 3.26 -0.14
CA ILE B 184 -21.02 3.36 -1.44
C ILE B 184 -22.51 3.71 -1.39
N ILE B 185 -23.20 3.36 -0.30
CA ILE B 185 -24.63 3.70 -0.17
C ILE B 185 -24.83 5.14 0.31
N GLY B 186 -23.78 5.72 0.90
CA GLY B 186 -23.87 7.08 1.43
C GLY B 186 -23.48 8.17 0.43
N PRO B 187 -23.34 9.41 0.92
CA PRO B 187 -23.06 10.58 0.05
C PRO B 187 -21.81 10.41 -0.83
N SER B 188 -20.82 9.66 -0.37
CA SER B 188 -19.62 9.40 -1.17
C SER B 188 -19.89 8.53 -2.39
N GLY B 189 -20.96 7.74 -2.32
CA GLY B 189 -21.31 6.83 -3.40
C GLY B 189 -22.64 7.22 -4.01
N PHE B 190 -23.62 6.33 -3.88
CA PHE B 190 -24.90 6.49 -4.58
C PHE B 190 -25.84 7.47 -3.92
N GLY B 191 -25.59 7.82 -2.67
CA GLY B 191 -26.47 8.73 -1.93
C GLY B 191 -27.83 8.15 -1.52
N TRP B 192 -27.86 6.84 -1.28
CA TRP B 192 -29.08 6.21 -0.77
C TRP B 192 -29.39 6.60 0.67
N ILE B 193 -28.37 7.03 1.40
CA ILE B 193 -28.55 7.54 2.77
C ILE B 193 -27.85 8.89 2.93
N ASN B 194 -28.43 9.78 3.73
CA ASN B 194 -27.82 11.09 4.01
C ASN B 194 -26.57 10.99 4.89
N GLN B 195 -25.89 12.11 5.08
CA GLN B 195 -24.64 12.15 5.83
C GLN B 195 -24.76 11.73 7.30
N THR B 196 -25.85 12.13 7.96
CA THR B 196 -26.03 11.86 9.38
C THR B 196 -26.23 10.37 9.68
N ILE B 197 -27.04 9.68 8.87
CA ILE B 197 -27.20 8.24 9.00
C ILE B 197 -25.88 7.55 8.64
N ASP B 198 -25.23 8.01 7.58
CA ASP B 198 -23.92 7.49 7.21
C ASP B 198 -22.89 7.63 8.35
N THR B 199 -22.84 8.81 8.98
CA THR B 199 -21.98 9.04 10.16
C THR B 199 -22.31 8.04 11.28
N PHE B 200 -23.60 7.82 11.51
CA PHE B 200 -24.05 6.89 12.54
C PHE B 200 -23.53 5.46 12.30
N LEU B 201 -23.64 5.00 11.06
CA LEU B 201 -23.09 3.71 10.69
C LEU B 201 -21.56 3.68 10.81
N PHE B 202 -20.92 4.80 10.47
CA PHE B 202 -19.48 4.90 10.61
C PHE B 202 -19.03 5.19 12.05
N CYS B 203 -19.97 5.15 12.99
CA CYS B 203 -19.63 5.13 14.41
C CYS B 203 -19.86 3.74 14.98
N LEU B 204 -20.97 3.12 14.58
CA LEU B 204 -21.37 1.83 15.10
C LEU B 204 -20.42 0.75 14.60
N LEU B 205 -20.12 0.78 13.31
CA LEU B 205 -19.23 -0.18 12.67
C LEU B 205 -17.81 -0.17 13.26
N PRO B 206 -17.17 1.00 13.34
CA PRO B 206 -15.81 0.93 13.93
C PRO B 206 -15.77 0.62 15.42
N PHE B 207 -16.84 0.88 16.16
CA PHE B 207 -16.83 0.50 17.58
C PHE B 207 -16.65 -0.99 17.68
N PHE B 208 -17.38 -1.72 16.85
CA PHE B 208 -17.26 -3.18 16.86
C PHE B 208 -15.93 -3.70 16.30
N SER B 209 -15.38 -2.98 15.33
CA SER B 209 -14.08 -3.34 14.75
C SER B 209 -12.92 -3.05 15.69
N LYS B 210 -13.04 -1.98 16.47
CA LYS B 210 -11.93 -1.53 17.31
C LYS B 210 -12.00 -2.02 18.75
N VAL B 211 -13.18 -1.97 19.36
CA VAL B 211 -13.32 -2.47 20.71
C VAL B 211 -13.78 -3.93 20.67
N GLY B 212 -14.83 -4.19 19.90
CA GLY B 212 -15.39 -5.55 19.80
C GLY B 212 -14.35 -6.59 19.41
N PHE B 213 -13.61 -6.36 18.32
CA PHE B 213 -12.64 -7.32 17.83
C PHE B 213 -11.51 -7.58 18.82
N SER B 214 -10.92 -6.51 19.34
CA SER B 214 -9.81 -6.61 20.27
C SER B 214 -10.26 -7.22 21.58
N PHE B 215 -11.48 -6.91 22.01
CA PHE B 215 -12.08 -7.56 23.17
C PHE B 215 -12.11 -9.08 22.98
N LEU B 216 -12.61 -9.54 21.82
CA LEU B 216 -12.68 -10.97 21.55
C LEU B 216 -11.29 -11.58 21.38
N GLU B 217 -10.38 -10.83 20.77
CA GLU B 217 -9.01 -11.26 20.63
C GLU B 217 -8.35 -11.45 22.01
N LEU B 218 -8.37 -10.41 22.84
CA LEU B 218 -7.62 -10.46 24.09
C LEU B 218 -8.21 -11.47 25.09
N HIS B 219 -9.53 -11.48 25.22
CA HIS B 219 -10.21 -12.45 26.08
C HIS B 219 -10.06 -13.87 25.58
N GLY B 220 -10.10 -14.05 24.27
CA GLY B 220 -9.83 -15.34 23.65
C GLY B 220 -8.44 -15.84 24.00
N LEU B 221 -7.43 -14.98 23.81
CA LEU B 221 -6.05 -15.38 24.09
C LEU B 221 -5.81 -15.65 25.58
N ARG B 222 -6.42 -14.86 26.44
CA ARG B 222 -6.33 -15.09 27.90
C ARG B 222 -6.95 -16.42 28.35
N ASN B 223 -8.14 -16.75 27.84
CA ASN B 223 -8.79 -18.04 28.12
C ASN B 223 -8.03 -19.24 27.55
N LEU B 224 -7.46 -19.06 26.36
CA LEU B 224 -6.64 -20.08 25.74
C LEU B 224 -5.40 -20.41 26.58
N ASN B 225 -4.76 -19.38 27.12
CA ASN B 225 -3.64 -19.57 28.04
C ASN B 225 -4.05 -20.21 29.38
N ASP B 226 -5.23 -19.79 29.88
CA ASP B 226 -5.86 -20.27 31.13
C ASP B 226 -5.76 -19.31 32.33
#